data_9R79
#
_entry.id   9R79
#
_cell.length_a   51.900
_cell.length_b   102.890
_cell.length_c   108.700
_cell.angle_alpha   90.00
_cell.angle_beta   90.00
_cell.angle_gamma   90.00
#
_symmetry.space_group_name_H-M   'P 21 21 21'
#
loop_
_entity.id
_entity.type
_entity.pdbx_description
1 polymer '6-phosphogluconate dehydrogenase NAD-binding protein'
2 non-polymer 'SULFATE ION'
3 non-polymer 'NADP NICOTINAMIDE-ADENINE-DINUCLEOTIDE PHOSPHATE'
4 non-polymer 5-methoxy-3,4-dihydro-1~{H}-naphthalen-2-one
5 non-polymer 1,2-ETHANEDIOL
6 water water
#
_entity_poly.entity_id   1
_entity_poly.type   'polypeptide(L)'
_entity_poly.pdbx_seq_one_letter_code
;MPPTDRTPVTLIGLGPMGQAMTRALLAAGHPVTVWNRTPARAAGVVADGAVLAASPVEAVEAGDLVILSLTDYQAMYDVL
EPATGSLAGRTVVNLSSDTPDRTRAAADWATEHGATFLTGGVMIPAPMVGTEEAYVYYSGPAEVFEKHRTTLTVIGAPRY
LGEDTGLAQLMYQAQLDVFLTTLSSLMHATALLGTAGVSAAESMPELIGMLRTVPAMLEAGGENPGADIDADKHPGDLST
ITMMGATADHIVGASETAGIDLALPRAVQAHYRRAIENGHGGDNWTRIIDGIRSPR
;
_entity_poly.pdbx_strand_id   A,B
#
# COMPACT_ATOMS: atom_id res chain seq x y z
N ASP A 5 3.34 22.89 32.19
CA ASP A 5 2.54 21.88 32.95
C ASP A 5 3.48 20.84 33.56
N ARG A 6 3.17 20.44 34.80
CA ARG A 6 3.98 19.47 35.54
C ARG A 6 3.08 18.38 36.10
N THR A 7 1.97 18.09 35.42
CA THR A 7 1.15 16.95 35.77
C THR A 7 2.05 15.72 35.91
N PRO A 8 2.01 14.97 37.03
CA PRO A 8 2.74 13.71 37.13
C PRO A 8 2.07 12.64 36.27
N VAL A 9 2.88 11.92 35.51
CA VAL A 9 2.43 10.89 34.59
C VAL A 9 2.99 9.53 35.01
N THR A 10 2.38 8.48 34.81
CA THR A 10 2.72 7.07 34.87
C THR A 10 2.61 6.51 33.46
N LEU A 11 3.67 5.78 33.10
CA LEU A 11 3.70 5.11 31.80
C LEU A 11 4.14 3.68 32.00
N ILE A 12 3.28 2.77 31.53
CA ILE A 12 3.47 1.35 31.66
C ILE A 12 3.66 0.74 30.26
N GLY A 13 4.79 0.05 30.08
CA GLY A 13 5.16 -0.57 28.82
C GLY A 13 6.34 0.18 28.20
N LEU A 14 7.52 -0.45 28.18
CA LEU A 14 8.73 0.23 27.71
C LEU A 14 9.35 -0.53 26.54
N GLY A 15 8.51 -0.86 25.55
CA GLY A 15 9.01 -1.11 24.21
C GLY A 15 9.55 0.19 23.63
N PRO A 16 9.93 0.22 22.34
CA PRO A 16 10.43 1.46 21.75
C PRO A 16 9.47 2.64 21.90
N MET A 17 8.15 2.40 21.77
CA MET A 17 7.20 3.50 21.84
C MET A 17 7.14 4.07 23.26
N GLY A 18 7.01 3.19 24.26
CA GLY A 18 6.94 3.64 25.64
C GLY A 18 8.17 4.45 26.07
N GLN A 19 9.35 4.01 25.62
CA GLN A 19 10.59 4.67 25.96
C GLN A 19 10.63 6.06 25.34
N ALA A 20 10.24 6.18 24.06
CA ALA A 20 10.27 7.46 23.36
C ALA A 20 9.24 8.40 23.98
N MET A 21 8.07 7.87 24.33
CA MET A 21 7.02 8.70 24.89
C MET A 21 7.39 9.23 26.30
N THR A 22 8.04 8.36 27.09
CA THR A 22 8.56 8.75 28.40
C THR A 22 9.54 9.91 28.23
N ARG A 23 10.48 9.77 27.30
CA ARG A 23 11.50 10.79 27.06
C ARG A 23 10.87 12.12 26.67
N ALA A 24 9.86 12.07 25.79
CA ALA A 24 9.21 13.29 25.33
C ALA A 24 8.53 14.00 26.50
N LEU A 25 7.84 13.21 27.34
CA LEU A 25 7.13 13.74 28.49
C LEU A 25 8.11 14.33 29.52
N LEU A 26 9.25 13.67 29.73
CA LEU A 26 10.30 14.18 30.62
C LEU A 26 10.83 15.51 30.09
N ALA A 27 11.10 15.56 28.78
CA ALA A 27 11.68 16.76 28.18
C ALA A 27 10.73 17.95 28.30
N ALA A 28 9.43 17.68 28.43
CA ALA A 28 8.45 18.76 28.53
C ALA A 28 8.16 19.12 29.99
N GLY A 29 8.89 18.52 30.93
CA GLY A 29 8.88 18.96 32.31
C GLY A 29 7.94 18.14 33.20
N HIS A 30 7.43 17.02 32.68
CA HIS A 30 6.57 16.16 33.48
C HIS A 30 7.40 15.17 34.28
N PRO A 31 7.09 14.98 35.57
CA PRO A 31 7.58 13.80 36.29
C PRO A 31 6.98 12.58 35.61
N VAL A 32 7.80 11.57 35.31
CA VAL A 32 7.28 10.32 34.80
C VAL A 32 7.75 9.18 35.70
N THR A 33 6.78 8.42 36.21
CA THR A 33 7.03 7.16 36.87
C THR A 33 6.69 6.01 35.90
N VAL A 34 7.63 5.06 35.73
CA VAL A 34 7.48 4.01 34.74
C VAL A 34 7.40 2.68 35.48
N TRP A 35 6.73 1.74 34.85
CA TRP A 35 6.81 0.36 35.27
C TRP A 35 6.84 -0.56 34.05
N ASN A 36 7.54 -1.70 34.16
CA ASN A 36 7.70 -2.61 33.04
C ASN A 36 7.76 -4.03 33.58
N ARG A 37 7.20 -4.96 32.79
CA ARG A 37 7.33 -6.39 33.07
C ARG A 37 8.81 -6.77 33.19
N THR A 38 9.66 -6.15 32.36
CA THR A 38 11.10 -6.37 32.38
C THR A 38 11.75 -5.11 32.88
N PRO A 39 12.04 -4.98 34.20
CA PRO A 39 12.51 -3.69 34.73
C PRO A 39 13.85 -3.21 34.19
N ALA A 40 14.71 -4.15 33.77
CA ALA A 40 16.02 -3.81 33.23
C ALA A 40 15.89 -2.89 32.03
N ARG A 41 14.78 -3.04 31.30
CA ARG A 41 14.52 -2.25 30.11
C ARG A 41 14.30 -0.77 30.45
N ALA A 42 14.03 -0.44 31.73
CA ALA A 42 13.83 0.95 32.14
C ALA A 42 15.12 1.73 32.35
N ALA A 43 16.30 1.11 32.29
CA ALA A 43 17.58 1.75 32.61
C ALA A 43 17.80 3.05 31.85
N GLY A 44 17.52 3.02 30.54
CA GLY A 44 17.68 4.19 29.69
C GLY A 44 16.80 5.36 30.13
N VAL A 45 15.49 5.11 30.34
CA VAL A 45 14.58 6.20 30.68
C VAL A 45 14.84 6.68 32.11
N VAL A 46 15.29 5.78 32.99
CA VAL A 46 15.69 6.18 34.34
C VAL A 46 16.89 7.14 34.26
N ALA A 47 17.90 6.83 33.44
CA ALA A 47 19.01 7.74 33.25
C ALA A 47 18.53 9.10 32.73
N ASP A 48 17.41 9.15 32.00
CA ASP A 48 16.90 10.40 31.48
C ASP A 48 15.93 11.09 32.43
N GLY A 49 15.71 10.53 33.64
CA GLY A 49 14.98 11.21 34.70
C GLY A 49 13.67 10.54 35.11
N ALA A 50 13.32 9.41 34.48
CA ALA A 50 12.14 8.68 34.91
C ALA A 50 12.44 8.00 36.23
N VAL A 51 11.39 7.75 37.01
CA VAL A 51 11.50 7.00 38.25
C VAL A 51 10.89 5.63 38.00
N LEU A 52 11.63 4.57 38.35
CA LEU A 52 11.13 3.21 38.19
C LEU A 52 10.37 2.82 39.44
N ALA A 53 9.06 2.65 39.28
CA ALA A 53 8.24 2.12 40.35
C ALA A 53 8.54 0.63 40.49
N ALA A 54 8.43 0.12 41.71
CA ALA A 54 8.73 -1.26 41.98
C ALA A 54 7.56 -2.15 41.60
N SER A 55 6.35 -1.61 41.72
CA SER A 55 5.13 -2.39 41.56
C SER A 55 4.13 -1.62 40.68
N PRO A 56 3.20 -2.32 40.01
CA PRO A 56 2.12 -1.63 39.30
C PRO A 56 1.31 -0.68 40.19
N VAL A 57 1.01 -1.10 41.44
CA VAL A 57 0.26 -0.27 42.38
C VAL A 57 1.01 1.04 42.62
N GLU A 58 2.30 0.94 42.94
CA GLU A 58 3.11 2.12 43.20
C GLU A 58 3.12 3.00 41.95
N ALA A 59 3.24 2.40 40.77
CA ALA A 59 3.24 3.15 39.51
C ALA A 59 1.94 3.92 39.32
N VAL A 60 0.80 3.24 39.49
CA VAL A 60 -0.51 3.85 39.31
C VAL A 60 -0.72 4.98 40.33
N GLU A 61 -0.30 4.77 41.57
CA GLU A 61 -0.54 5.75 42.63
C GLU A 61 0.35 6.98 42.48
N ALA A 62 1.33 6.95 41.58
CA ALA A 62 2.20 8.08 41.36
C ALA A 62 1.71 9.02 40.26
N GLY A 63 0.60 8.68 39.56
CA GLY A 63 0.15 9.52 38.46
C GLY A 63 -1.35 9.78 38.44
N ASP A 64 -1.72 10.99 38.01
CA ASP A 64 -3.08 11.39 37.67
C ASP A 64 -3.51 10.70 36.39
N LEU A 65 -2.51 10.46 35.54
CA LEU A 65 -2.62 9.94 34.19
C LEU A 65 -1.78 8.67 34.11
N VAL A 66 -2.40 7.57 33.69
CA VAL A 66 -1.71 6.31 33.51
C VAL A 66 -1.79 5.94 32.02
N ILE A 67 -0.64 6.01 31.34
CA ILE A 67 -0.52 5.67 29.93
C ILE A 67 -0.02 4.23 29.77
N LEU A 68 -0.71 3.46 28.91
N LEU A 68 -0.69 3.48 28.89
CA LEU A 68 -0.30 2.11 28.56
CA LEU A 68 -0.29 2.12 28.56
C LEU A 68 0.24 2.07 27.13
C LEU A 68 0.23 2.05 27.12
N SER A 69 1.44 1.51 26.99
CA SER A 69 2.05 1.28 25.69
C SER A 69 2.47 -0.18 25.65
N LEU A 70 1.49 -1.06 25.42
CA LEU A 70 1.64 -2.50 25.49
C LEU A 70 1.19 -3.16 24.19
N THR A 71 1.59 -4.41 23.97
CA THR A 71 1.39 -5.05 22.70
C THR A 71 -0.11 -5.20 22.41
N ASP A 72 -0.93 -5.40 23.44
CA ASP A 72 -2.35 -5.58 23.28
C ASP A 72 -3.06 -5.21 24.59
N TYR A 73 -4.39 -5.29 24.59
CA TYR A 73 -5.16 -4.94 25.77
C TYR A 73 -5.12 -6.03 26.83
N GLN A 74 -4.87 -7.29 26.46
CA GLN A 74 -4.74 -8.33 27.47
C GLN A 74 -3.61 -7.95 28.44
N ALA A 75 -2.52 -7.40 27.89
CA ALA A 75 -1.42 -6.93 28.72
C ALA A 75 -1.88 -5.89 29.75
N MET A 76 -2.83 -5.02 29.38
CA MET A 76 -3.31 -4.00 30.32
C MET A 76 -3.94 -4.69 31.53
N TYR A 77 -4.80 -5.68 31.27
CA TYR A 77 -5.44 -6.44 32.34
C TYR A 77 -4.37 -7.17 33.17
N ASP A 78 -3.38 -7.79 32.53
CA ASP A 78 -2.34 -8.54 33.21
C ASP A 78 -1.61 -7.67 34.22
N VAL A 79 -1.26 -6.44 33.83
CA VAL A 79 -0.47 -5.56 34.66
C VAL A 79 -1.33 -4.84 35.69
N LEU A 80 -2.55 -4.45 35.33
CA LEU A 80 -3.34 -3.59 36.22
C LEU A 80 -4.24 -4.37 37.17
N GLU A 81 -4.52 -5.66 36.90
CA GLU A 81 -5.39 -6.44 37.77
C GLU A 81 -4.98 -6.32 39.24
N PRO A 82 -3.70 -6.56 39.65
CA PRO A 82 -3.32 -6.34 41.05
C PRO A 82 -3.47 -4.93 41.58
N ALA A 83 -3.61 -3.94 40.67
CA ALA A 83 -3.65 -2.54 41.06
C ALA A 83 -5.05 -1.94 40.90
N THR A 84 -6.10 -2.76 40.74
CA THR A 84 -7.40 -2.23 40.39
C THR A 84 -7.93 -1.33 41.50
N GLY A 85 -7.50 -1.59 42.74
CA GLY A 85 -7.95 -0.84 43.89
C GLY A 85 -7.40 0.58 43.91
N SER A 86 -6.43 0.88 43.05
CA SER A 86 -5.78 2.18 43.06
C SER A 86 -6.14 3.03 41.84
N LEU A 87 -7.02 2.50 40.96
CA LEU A 87 -7.39 3.19 39.72
C LEU A 87 -8.37 4.34 39.96
N ALA A 88 -9.12 4.31 41.07
CA ALA A 88 -10.22 5.24 41.26
C ALA A 88 -9.70 6.67 41.24
N GLY A 89 -10.35 7.53 40.46
CA GLY A 89 -10.02 8.94 40.43
C GLY A 89 -8.92 9.27 39.42
N ARG A 90 -8.38 8.26 38.72
CA ARG A 90 -7.34 8.50 37.73
C ARG A 90 -7.91 8.27 36.33
N THR A 91 -7.18 8.76 35.33
CA THR A 91 -7.48 8.54 33.91
C THR A 91 -6.48 7.55 33.30
N VAL A 92 -7.00 6.45 32.76
CA VAL A 92 -6.23 5.51 31.98
C VAL A 92 -6.26 5.93 30.51
N VAL A 93 -5.08 6.11 29.90
CA VAL A 93 -4.95 6.41 28.48
C VAL A 93 -4.27 5.23 27.81
N ASN A 94 -5.02 4.43 27.06
CA ASN A 94 -4.42 3.25 26.47
C ASN A 94 -3.99 3.56 25.04
N LEU A 95 -2.67 3.50 24.79
CA LEU A 95 -2.09 3.77 23.48
C LEU A 95 -1.63 2.46 22.80
N SER A 96 -2.43 1.40 22.97
CA SER A 96 -2.13 0.06 22.51
C SER A 96 -3.10 -0.40 21.42
N SER A 97 -2.60 -1.27 20.54
CA SER A 97 -3.39 -1.89 19.49
C SER A 97 -4.27 -2.98 20.12
N ASP A 98 -5.53 -3.03 19.64
CA ASP A 98 -6.47 -4.12 19.89
C ASP A 98 -7.71 -3.84 19.05
N THR A 99 -8.73 -4.71 19.17
CA THR A 99 -9.97 -4.51 18.45
C THR A 99 -10.81 -3.42 19.12
N PRO A 100 -11.63 -2.67 18.34
CA PRO A 100 -12.56 -1.68 18.87
C PRO A 100 -13.47 -2.18 19.99
N ASP A 101 -13.99 -3.42 19.90
CA ASP A 101 -14.88 -3.93 20.93
C ASP A 101 -14.13 -4.34 22.20
N ARG A 102 -12.89 -4.81 22.09
CA ARG A 102 -12.06 -5.02 23.28
C ARG A 102 -11.80 -3.68 23.96
N THR A 103 -11.57 -2.65 23.15
CA THR A 103 -11.32 -1.32 23.67
C THR A 103 -12.55 -0.80 24.46
N ARG A 104 -13.75 -0.91 23.88
CA ARG A 104 -14.97 -0.41 24.50
C ARG A 104 -15.21 -1.08 25.85
N ALA A 105 -15.04 -2.41 25.89
CA ALA A 105 -15.23 -3.16 27.11
C ALA A 105 -14.20 -2.76 28.17
N ALA A 106 -12.98 -2.43 27.72
CA ALA A 106 -11.93 -1.97 28.61
C ALA A 106 -12.31 -0.64 29.25
N ALA A 107 -12.87 0.29 28.45
CA ALA A 107 -13.39 1.54 28.96
C ALA A 107 -14.39 1.30 30.10
N ASP A 108 -15.33 0.37 29.89
CA ASP A 108 -16.30 0.06 30.94
C ASP A 108 -15.62 -0.56 32.16
N TRP A 109 -14.60 -1.41 31.95
CA TRP A 109 -13.81 -1.97 33.04
C TRP A 109 -13.15 -0.87 33.85
N ALA A 110 -12.57 0.13 33.18
CA ALA A 110 -12.00 1.27 33.88
C ALA A 110 -13.05 2.01 34.73
N THR A 111 -14.21 2.32 34.14
CA THR A 111 -15.27 3.06 34.81
C THR A 111 -15.71 2.34 36.07
N GLU A 112 -15.92 1.02 35.96
CA GLU A 112 -16.29 0.16 37.05
C GLU A 112 -15.29 0.28 38.21
N HIS A 113 -14.00 0.49 37.89
CA HIS A 113 -12.95 0.64 38.89
C HIS A 113 -12.72 2.11 39.23
N GLY A 114 -13.64 2.98 38.83
CA GLY A 114 -13.67 4.36 39.29
C GLY A 114 -12.76 5.32 38.52
N ALA A 115 -12.20 4.83 37.40
CA ALA A 115 -11.31 5.60 36.57
C ALA A 115 -12.05 6.10 35.33
N THR A 116 -11.49 7.13 34.68
CA THR A 116 -11.88 7.48 33.34
C THR A 116 -10.91 6.81 32.37
N PHE A 117 -11.32 6.79 31.08
CA PHE A 117 -10.58 6.07 30.06
C PHE A 117 -10.58 6.87 28.77
N LEU A 118 -9.38 7.02 28.14
CA LEU A 118 -9.22 7.58 26.82
C LEU A 118 -8.49 6.57 25.94
N THR A 119 -8.99 6.39 24.70
CA THR A 119 -8.33 5.57 23.70
C THR A 119 -7.41 6.44 22.85
N GLY A 120 -6.18 5.97 22.60
CA GLY A 120 -5.26 6.65 21.70
C GLY A 120 -4.59 5.67 20.73
N GLY A 121 -4.36 6.16 19.49
CA GLY A 121 -3.63 5.43 18.46
C GLY A 121 -2.49 6.28 17.91
N VAL A 122 -1.25 5.88 18.21
CA VAL A 122 -0.05 6.64 17.87
C VAL A 122 0.36 6.30 16.44
N MET A 123 0.54 7.33 15.61
CA MET A 123 0.53 7.12 14.17
C MET A 123 1.93 7.22 13.55
N ILE A 124 2.99 7.28 14.36
CA ILE A 124 4.36 7.39 13.87
C ILE A 124 5.27 6.43 14.64
N PRO A 125 6.43 6.03 14.06
CA PRO A 125 7.41 5.20 14.77
C PRO A 125 8.13 5.98 15.84
N ALA A 126 8.84 5.25 16.70
CA ALA A 126 9.41 5.76 17.93
C ALA A 126 10.26 7.01 17.67
N PRO A 127 11.19 7.01 16.68
CA PRO A 127 12.07 8.17 16.49
C PRO A 127 11.33 9.45 16.11
N MET A 128 10.07 9.34 15.66
CA MET A 128 9.30 10.52 15.29
C MET A 128 8.38 10.99 16.42
N VAL A 129 8.29 10.22 17.52
CA VAL A 129 7.50 10.64 18.67
C VAL A 129 7.99 11.99 19.15
N GLY A 130 7.05 12.87 19.48
CA GLY A 130 7.35 14.17 20.05
C GLY A 130 7.88 15.18 19.03
N THR A 131 7.81 14.85 17.74
CA THR A 131 8.24 15.76 16.69
C THR A 131 7.01 16.36 16.01
N GLU A 132 7.26 17.32 15.13
CA GLU A 132 6.20 18.00 14.39
C GLU A 132 5.51 17.03 13.44
N GLU A 133 6.12 15.89 13.12
CA GLU A 133 5.50 14.91 12.25
C GLU A 133 4.58 13.97 13.04
N ALA A 134 4.65 13.97 14.36
CA ALA A 134 3.88 13.04 15.18
C ALA A 134 2.42 13.45 15.27
N TYR A 135 1.52 12.47 15.27
CA TYR A 135 0.11 12.69 15.52
C TYR A 135 -0.48 11.42 16.14
N VAL A 136 -1.56 11.62 16.90
CA VAL A 136 -2.20 10.57 17.67
C VAL A 136 -3.70 10.79 17.60
N TYR A 137 -4.44 9.72 17.28
CA TYR A 137 -5.89 9.75 17.32
C TYR A 137 -6.36 9.50 18.75
N TYR A 138 -7.41 10.21 19.16
CA TYR A 138 -8.00 10.02 20.49
C TYR A 138 -9.52 9.92 20.39
N SER A 139 -10.09 9.05 21.21
CA SER A 139 -11.52 9.05 21.41
C SER A 139 -11.84 8.69 22.87
N GLY A 140 -13.07 9.05 23.28
CA GLY A 140 -13.54 8.92 24.64
C GLY A 140 -14.18 10.22 25.12
N PRO A 141 -14.51 10.34 26.44
CA PRO A 141 -15.22 11.49 26.96
C PRO A 141 -14.44 12.79 26.67
N ALA A 142 -15.11 13.76 26.04
CA ALA A 142 -14.47 15.01 25.67
C ALA A 142 -13.83 15.72 26.86
N GLU A 143 -14.49 15.71 28.02
CA GLU A 143 -14.00 16.44 29.20
C GLU A 143 -12.69 15.82 29.68
N VAL A 144 -12.59 14.49 29.58
CA VAL A 144 -11.40 13.76 29.98
C VAL A 144 -10.26 14.10 29.01
N PHE A 145 -10.54 14.09 27.71
CA PHE A 145 -9.55 14.50 26.74
C PHE A 145 -9.08 15.92 27.00
N GLU A 146 -10.02 16.84 27.29
CA GLU A 146 -9.66 18.25 27.39
C GLU A 146 -8.78 18.46 28.63
N LYS A 147 -9.10 17.74 29.70
CA LYS A 147 -8.33 17.79 30.92
C LYS A 147 -6.86 17.45 30.68
N HIS A 148 -6.59 16.39 29.89
CA HIS A 148 -5.24 15.87 29.75
C HIS A 148 -4.58 16.24 28.42
N ARG A 149 -5.23 17.10 27.62
CA ARG A 149 -4.77 17.39 26.28
C ARG A 149 -3.38 18.01 26.29
N THR A 150 -3.15 18.94 27.21
CA THR A 150 -1.85 19.59 27.33
C THR A 150 -0.71 18.59 27.53
N THR A 151 -0.93 17.59 28.37
CA THR A 151 0.08 16.56 28.64
C THR A 151 0.28 15.72 27.38
N LEU A 152 -0.82 15.24 26.81
CA LEU A 152 -0.77 14.27 25.73
C LEU A 152 -0.13 14.88 24.48
N THR A 153 -0.32 16.19 24.26
CA THR A 153 0.12 16.79 23.00
C THR A 153 1.63 16.68 22.84
N VAL A 154 2.36 16.49 23.94
CA VAL A 154 3.80 16.35 23.91
C VAL A 154 4.23 15.17 23.03
N ILE A 155 3.43 14.09 23.02
CA ILE A 155 3.72 12.88 22.25
C ILE A 155 3.50 13.12 20.76
N GLY A 156 2.49 13.93 20.43
CA GLY A 156 2.17 14.23 19.05
C GLY A 156 0.83 14.96 18.94
N ALA A 157 0.66 15.67 17.80
CA ALA A 157 -0.54 16.44 17.54
C ALA A 157 -1.77 15.55 17.74
N PRO A 158 -2.68 15.90 18.67
CA PRO A 158 -3.87 15.09 18.95
C PRO A 158 -4.97 15.28 17.93
N ARG A 159 -5.63 14.18 17.53
CA ARG A 159 -6.75 14.22 16.62
C ARG A 159 -7.94 13.53 17.29
N TYR A 160 -8.77 14.34 17.95
CA TYR A 160 -9.90 13.84 18.71
C TYR A 160 -11.03 13.53 17.76
N LEU A 161 -11.58 12.31 17.85
CA LEU A 161 -12.56 11.84 16.88
C LEU A 161 -13.98 11.80 17.45
N GLY A 162 -14.14 11.87 18.77
CA GLY A 162 -15.45 11.86 19.40
C GLY A 162 -15.50 10.97 20.64
N GLU A 163 -16.72 10.70 21.09
CA GLU A 163 -17.01 10.14 22.40
C GLU A 163 -16.82 8.62 22.44
N ASP A 164 -17.02 7.94 21.30
CA ASP A 164 -16.95 6.48 21.27
C ASP A 164 -15.52 6.01 21.53
N THR A 165 -15.28 5.32 22.65
CA THR A 165 -13.93 4.87 22.98
C THR A 165 -13.37 3.92 21.89
N GLY A 166 -14.25 3.28 21.13
CA GLY A 166 -13.84 2.37 20.08
C GLY A 166 -13.39 3.07 18.80
N LEU A 167 -13.68 4.37 18.63
CA LEU A 167 -13.48 5.02 17.34
C LEU A 167 -12.02 5.31 17.03
N ALA A 168 -11.21 5.74 18.03
CA ALA A 168 -9.79 5.95 17.76
C ALA A 168 -9.11 4.62 17.48
N GLN A 169 -9.59 3.54 18.12
CA GLN A 169 -9.06 2.22 17.86
C GLN A 169 -9.42 1.79 16.44
N LEU A 170 -10.67 1.99 16.03
CA LEU A 170 -11.11 1.67 14.67
C LEU A 170 -10.27 2.42 13.64
N MET A 171 -9.97 3.69 13.91
CA MET A 171 -9.14 4.48 13.04
C MET A 171 -7.71 3.95 12.99
N TYR A 172 -7.15 3.54 14.15
CA TYR A 172 -5.81 2.98 14.18
C TYR A 172 -5.78 1.68 13.37
N GLN A 173 -6.75 0.80 13.60
CA GLN A 173 -6.80 -0.47 12.87
C GLN A 173 -6.98 -0.24 11.38
N ALA A 174 -7.75 0.78 10.98
CA ALA A 174 -7.93 1.10 9.57
C ALA A 174 -6.61 1.61 8.96
N GLN A 175 -5.91 2.47 9.70
CA GLN A 175 -4.64 2.97 9.23
C GLN A 175 -3.64 1.84 9.09
N LEU A 176 -3.60 0.94 10.08
CA LEU A 176 -2.62 -0.12 10.07
C LEU A 176 -3.02 -1.17 9.03
N ASP A 177 -4.32 -1.25 8.71
CA ASP A 177 -4.82 -2.04 7.58
C ASP A 177 -4.12 -1.62 6.28
N VAL A 178 -4.09 -0.30 6.03
CA VAL A 178 -3.40 0.21 4.87
C VAL A 178 -1.90 -0.02 5.00
N PHE A 179 -1.32 0.39 6.13
CA PHE A 179 0.12 0.32 6.34
C PHE A 179 0.64 -1.11 6.25
N LEU A 180 0.08 -2.04 7.02
CA LEU A 180 0.63 -3.39 7.02
C LEU A 180 0.39 -4.05 5.68
N THR A 181 -0.77 -3.82 5.07
CA THR A 181 -1.05 -4.43 3.78
C THR A 181 -0.08 -3.87 2.73
N THR A 182 0.18 -2.55 2.77
CA THR A 182 1.16 -1.98 1.87
C THR A 182 2.53 -2.61 2.07
N LEU A 183 2.98 -2.75 3.33
CA LEU A 183 4.27 -3.36 3.63
C LEU A 183 4.31 -4.80 3.11
N SER A 184 3.27 -5.58 3.36
CA SER A 184 3.23 -6.92 2.83
C SER A 184 3.36 -6.92 1.29
N SER A 185 2.70 -5.95 0.61
CA SER A 185 2.79 -5.84 -0.84
C SER A 185 4.22 -5.50 -1.28
N LEU A 186 4.93 -4.67 -0.52
CA LEU A 186 6.32 -4.35 -0.87
C LEU A 186 7.20 -5.61 -0.78
N MET A 187 6.98 -6.43 0.25
CA MET A 187 7.80 -7.62 0.41
C MET A 187 7.40 -8.63 -0.66
N HIS A 188 6.11 -8.74 -0.97
CA HIS A 188 5.61 -9.59 -2.04
C HIS A 188 6.27 -9.24 -3.38
N ALA A 189 6.26 -7.95 -3.73
CA ALA A 189 6.83 -7.49 -4.99
C ALA A 189 8.34 -7.70 -5.01
N THR A 190 9.01 -7.46 -3.87
CA THR A 190 10.44 -7.66 -3.74
C THR A 190 10.78 -9.12 -3.97
N ALA A 191 9.98 -10.04 -3.40
CA ALA A 191 10.15 -11.46 -3.63
C ALA A 191 9.96 -11.79 -5.12
N LEU A 192 8.94 -11.19 -5.74
CA LEU A 192 8.63 -11.46 -7.14
C LEU A 192 9.82 -11.11 -8.03
N LEU A 193 10.33 -9.90 -7.85
CA LEU A 193 11.52 -9.44 -8.56
C LEU A 193 12.77 -10.27 -8.22
N GLY A 194 12.86 -10.77 -6.98
CA GLY A 194 13.93 -11.66 -6.57
C GLY A 194 14.05 -12.91 -7.42
N THR A 195 12.95 -13.37 -8.03
CA THR A 195 12.99 -14.61 -8.80
C THR A 195 13.65 -14.43 -10.16
N ALA A 196 14.00 -13.21 -10.52
CA ALA A 196 14.85 -12.99 -11.68
C ALA A 196 16.20 -12.44 -11.23
N GLY A 197 16.54 -12.61 -9.95
CA GLY A 197 17.84 -12.24 -9.44
C GLY A 197 18.00 -10.76 -9.17
N VAL A 198 16.87 -10.03 -9.05
CA VAL A 198 16.92 -8.62 -8.66
C VAL A 198 16.99 -8.56 -7.14
N SER A 199 17.95 -7.77 -6.64
CA SER A 199 18.17 -7.65 -5.21
C SER A 199 17.17 -6.67 -4.61
N ALA A 200 16.96 -6.76 -3.30
CA ALA A 200 16.02 -5.90 -2.60
C ALA A 200 16.57 -4.47 -2.59
N ALA A 201 17.90 -4.32 -2.63
CA ALA A 201 18.48 -2.98 -2.67
C ALA A 201 18.16 -2.29 -4.00
N GLU A 202 17.95 -3.07 -5.06
CA GLU A 202 17.55 -2.50 -6.33
C GLU A 202 16.04 -2.28 -6.36
N SER A 203 15.27 -3.29 -5.92
CA SER A 203 13.84 -3.30 -6.16
C SER A 203 13.11 -2.32 -5.23
N MET A 204 13.52 -2.25 -3.94
CA MET A 204 12.74 -1.52 -2.95
C MET A 204 12.71 -0.01 -3.27
N PRO A 205 13.81 0.66 -3.68
CA PRO A 205 13.70 2.07 -4.08
C PRO A 205 12.78 2.29 -5.29
N GLU A 206 12.73 1.35 -6.22
CA GLU A 206 11.83 1.49 -7.36
C GLU A 206 10.39 1.43 -6.85
N LEU A 207 10.11 0.46 -5.99
CA LEU A 207 8.75 0.24 -5.51
C LEU A 207 8.30 1.41 -4.65
N ILE A 208 9.18 1.87 -3.75
CA ILE A 208 8.94 3.01 -2.88
C ILE A 208 8.77 4.27 -3.71
N GLY A 209 9.59 4.42 -4.76
CA GLY A 209 9.47 5.55 -5.68
C GLY A 209 8.10 5.61 -6.35
N MET A 210 7.53 4.44 -6.66
CA MET A 210 6.18 4.40 -7.23
C MET A 210 5.16 4.76 -6.14
N LEU A 211 5.35 4.20 -4.94
CA LEU A 211 4.40 4.39 -3.86
C LEU A 211 4.30 5.87 -3.49
N ARG A 212 5.44 6.56 -3.57
CA ARG A 212 5.54 7.99 -3.31
C ARG A 212 4.54 8.76 -4.17
N THR A 213 4.30 8.29 -5.40
CA THR A 213 3.46 8.99 -6.36
C THR A 213 1.98 8.65 -6.23
N VAL A 214 1.63 7.66 -5.40
CA VAL A 214 0.26 7.20 -5.36
C VAL A 214 -0.69 8.32 -4.92
N PRO A 215 -0.43 9.04 -3.82
CA PRO A 215 -1.32 10.13 -3.43
C PRO A 215 -1.66 11.09 -4.59
N ALA A 216 -0.86 11.10 -5.67
CA ALA A 216 -1.04 12.00 -6.81
C ALA A 216 -1.55 11.30 -8.09
N MET A 217 -1.25 10.00 -8.25
CA MET A 217 -1.68 9.24 -9.43
C MET A 217 -3.18 9.03 -9.38
N LEU A 218 -3.73 9.03 -8.16
CA LEU A 218 -5.17 8.89 -7.96
C LEU A 218 -5.90 10.19 -8.32
N GLU A 219 -5.22 11.34 -8.30
CA GLU A 219 -5.86 12.63 -8.59
C GLU A 219 -5.79 12.97 -10.08
N ALA A 220 -5.00 12.23 -10.87
CA ALA A 220 -4.82 12.51 -12.29
C ALA A 220 -6.15 12.43 -13.04
N GLY A 221 -6.38 13.41 -13.92
CA GLY A 221 -7.60 13.48 -14.73
C GLY A 221 -8.85 13.87 -13.94
N GLY A 222 -8.66 14.42 -12.72
CA GLY A 222 -9.73 15.04 -11.94
C GLY A 222 -10.50 14.08 -11.03
N GLU A 223 -9.95 12.89 -10.76
CA GLU A 223 -10.57 11.95 -9.85
C GLU A 223 -10.43 12.47 -8.41
N ASN A 224 -11.43 12.22 -7.55
CA ASN A 224 -11.43 12.68 -6.16
C ASN A 224 -12.02 11.62 -5.23
N PRO A 225 -11.37 10.43 -5.17
CA PRO A 225 -11.97 9.17 -4.70
C PRO A 225 -12.97 9.16 -3.55
N GLY A 226 -12.73 9.93 -2.49
CA GLY A 226 -13.53 9.83 -1.27
C GLY A 226 -14.99 10.28 -1.48
N ALA A 227 -15.12 11.56 -1.86
CA ALA A 227 -16.40 12.16 -2.17
C ALA A 227 -17.12 11.36 -3.26
N ASP A 228 -16.32 10.85 -4.22
CA ASP A 228 -16.84 10.04 -5.31
C ASP A 228 -17.43 8.72 -4.80
N ILE A 229 -16.75 8.05 -3.85
CA ILE A 229 -17.25 6.82 -3.25
C ILE A 229 -18.55 7.11 -2.49
N ASP A 230 -18.58 8.26 -1.80
CA ASP A 230 -19.77 8.63 -1.03
C ASP A 230 -20.97 8.82 -1.97
N ALA A 231 -20.69 9.29 -3.19
CA ALA A 231 -21.72 9.60 -4.17
C ALA A 231 -22.05 8.40 -5.07
N ASP A 232 -21.52 7.20 -4.77
CA ASP A 232 -21.69 6.03 -5.61
C ASP A 232 -21.29 6.36 -7.06
N LYS A 233 -20.22 7.16 -7.21
CA LYS A 233 -19.72 7.64 -8.49
C LYS A 233 -18.40 6.94 -8.81
N HIS A 234 -18.47 5.99 -9.77
CA HIS A 234 -17.33 5.17 -10.17
C HIS A 234 -17.17 5.15 -11.69
N PRO A 235 -16.96 6.30 -12.38
CA PRO A 235 -16.81 6.32 -13.84
C PRO A 235 -15.48 5.68 -14.26
N GLY A 236 -15.54 4.81 -15.29
CA GLY A 236 -14.42 3.97 -15.68
C GLY A 236 -13.62 4.48 -16.89
N ASP A 237 -13.72 5.78 -17.20
CA ASP A 237 -13.21 6.29 -18.46
C ASP A 237 -11.67 6.32 -18.50
N LEU A 238 -10.97 6.32 -17.36
CA LEU A 238 -9.51 6.35 -17.40
C LEU A 238 -8.90 5.02 -16.95
N SER A 239 -9.72 4.16 -16.33
CA SER A 239 -9.27 2.84 -15.89
C SER A 239 -10.48 2.03 -15.49
N THR A 240 -10.65 0.83 -16.05
CA THR A 240 -11.78 0.02 -15.69
C THR A 240 -11.36 -1.12 -14.77
N ILE A 241 -12.37 -1.65 -14.08
CA ILE A 241 -12.22 -2.85 -13.27
C ILE A 241 -11.83 -4.02 -14.16
N THR A 242 -12.33 -4.08 -15.40
CA THR A 242 -11.93 -5.17 -16.28
C THR A 242 -10.42 -5.18 -16.51
N MET A 243 -9.87 -3.98 -16.75
CA MET A 243 -8.47 -3.81 -17.13
C MET A 243 -7.60 -4.03 -15.89
N MET A 244 -8.01 -3.51 -14.73
CA MET A 244 -7.18 -3.61 -13.55
C MET A 244 -7.33 -5.01 -12.95
N GLY A 245 -8.51 -5.59 -13.07
CA GLY A 245 -8.71 -6.98 -12.72
C GLY A 245 -7.86 -7.93 -13.56
N ALA A 246 -7.68 -7.62 -14.85
CA ALA A 246 -6.80 -8.42 -15.70
C ALA A 246 -5.40 -8.36 -15.13
N THR A 247 -4.94 -7.15 -14.78
CA THR A 247 -3.63 -7.04 -14.15
C THR A 247 -3.55 -7.83 -12.84
N ALA A 248 -4.62 -7.86 -12.02
CA ALA A 248 -4.63 -8.66 -10.80
C ALA A 248 -4.46 -10.14 -11.14
N ASP A 249 -5.09 -10.57 -12.24
CA ASP A 249 -4.93 -11.92 -12.76
C ASP A 249 -3.47 -12.19 -13.16
N HIS A 250 -2.83 -11.20 -13.77
CA HIS A 250 -1.47 -11.35 -14.24
C HIS A 250 -0.51 -11.45 -13.05
N ILE A 251 -0.79 -10.69 -11.98
CA ILE A 251 0.05 -10.72 -10.78
C ILE A 251 -0.08 -12.11 -10.16
N VAL A 252 -1.30 -12.64 -10.09
CA VAL A 252 -1.51 -13.96 -9.53
C VAL A 252 -0.73 -14.97 -10.39
N GLY A 253 -0.90 -14.90 -11.71
CA GLY A 253 -0.21 -15.80 -12.61
C GLY A 253 1.32 -15.71 -12.46
N ALA A 254 1.85 -14.48 -12.43
CA ALA A 254 3.27 -14.29 -12.23
C ALA A 254 3.73 -14.86 -10.89
N SER A 255 2.90 -14.68 -9.85
CA SER A 255 3.21 -15.11 -8.49
C SER A 255 3.19 -16.64 -8.40
N GLU A 256 2.21 -17.28 -9.05
CA GLU A 256 2.17 -18.73 -9.13
C GLU A 256 3.45 -19.27 -9.76
N THR A 257 3.87 -18.67 -10.87
CA THR A 257 5.04 -19.12 -11.61
C THR A 257 6.31 -18.85 -10.78
N ALA A 258 6.27 -17.80 -9.94
CA ALA A 258 7.42 -17.39 -9.13
C ALA A 258 7.56 -18.25 -7.88
N GLY A 259 6.54 -19.04 -7.56
CA GLY A 259 6.58 -19.87 -6.37
C GLY A 259 6.40 -19.08 -5.07
N ILE A 260 5.75 -17.92 -5.11
CA ILE A 260 5.60 -17.10 -3.92
C ILE A 260 4.17 -17.17 -3.38
N ASP A 261 3.95 -16.50 -2.24
CA ASP A 261 2.65 -16.45 -1.59
C ASP A 261 1.58 -16.05 -2.60
N LEU A 262 0.50 -16.84 -2.65
CA LEU A 262 -0.63 -16.56 -3.51
C LEU A 262 -1.79 -15.89 -2.75
N ALA A 263 -1.82 -15.95 -1.41
CA ALA A 263 -2.98 -15.46 -0.67
C ALA A 263 -3.14 -13.95 -0.82
N LEU A 264 -2.05 -13.19 -0.74
CA LEU A 264 -2.20 -11.75 -0.88
C LEU A 264 -2.76 -11.37 -2.25
N PRO A 265 -2.11 -11.73 -3.40
CA PRO A 265 -2.65 -11.32 -4.71
C PRO A 265 -4.00 -11.94 -5.04
N ARG A 266 -4.30 -13.13 -4.54
CA ARG A 266 -5.64 -13.69 -4.76
C ARG A 266 -6.73 -12.91 -4.02
N ALA A 267 -6.44 -12.37 -2.83
CA ALA A 267 -7.38 -11.48 -2.15
C ALA A 267 -7.72 -10.29 -3.04
N VAL A 268 -6.71 -9.68 -3.68
CA VAL A 268 -6.91 -8.51 -4.51
C VAL A 268 -7.71 -8.90 -5.75
N GLN A 269 -7.28 -9.99 -6.38
CA GLN A 269 -7.96 -10.57 -7.52
C GLN A 269 -9.44 -10.72 -7.19
N ALA A 270 -9.77 -11.24 -6.01
CA ALA A 270 -11.15 -11.53 -5.65
C ALA A 270 -11.99 -10.24 -5.54
N HIS A 271 -11.36 -9.13 -5.14
CA HIS A 271 -12.07 -7.86 -5.12
C HIS A 271 -12.59 -7.51 -6.51
N TYR A 272 -11.75 -7.68 -7.53
CA TYR A 272 -12.09 -7.35 -8.91
C TYR A 272 -13.13 -8.34 -9.43
N ARG A 273 -12.96 -9.62 -9.11
CA ARG A 273 -13.86 -10.64 -9.61
C ARG A 273 -15.29 -10.38 -9.14
N ARG A 274 -15.45 -10.02 -7.86
CA ARG A 274 -16.76 -9.74 -7.29
C ARG A 274 -17.41 -8.55 -8.02
N ALA A 275 -16.66 -7.48 -8.28
CA ALA A 275 -17.22 -6.34 -8.98
C ALA A 275 -17.72 -6.71 -10.37
N ILE A 276 -16.98 -7.60 -11.06
CA ILE A 276 -17.34 -8.02 -12.40
C ILE A 276 -18.59 -8.92 -12.34
N GLU A 277 -18.57 -9.90 -11.45
CA GLU A 277 -19.73 -10.76 -11.28
C GLU A 277 -21.00 -9.96 -10.94
N ASN A 278 -20.85 -8.82 -10.24
CA ASN A 278 -21.99 -7.99 -9.87
C ASN A 278 -22.32 -6.98 -10.97
N GLY A 279 -21.59 -7.03 -12.10
CA GLY A 279 -21.96 -6.32 -13.31
C GLY A 279 -21.35 -4.92 -13.42
N HIS A 280 -20.20 -4.68 -12.78
CA HIS A 280 -19.58 -3.37 -12.78
C HIS A 280 -18.15 -3.39 -13.35
N GLY A 281 -17.88 -4.28 -14.30
CA GLY A 281 -16.58 -4.34 -14.97
C GLY A 281 -16.18 -3.00 -15.59
N GLY A 282 -17.17 -2.22 -16.06
CA GLY A 282 -16.91 -0.94 -16.71
C GLY A 282 -16.52 0.18 -15.75
N ASP A 283 -16.69 -0.04 -14.43
CA ASP A 283 -16.52 1.02 -13.45
C ASP A 283 -15.05 1.21 -13.10
N ASN A 284 -14.77 2.36 -12.47
CA ASN A 284 -13.48 2.65 -11.87
C ASN A 284 -13.22 1.65 -10.74
N TRP A 285 -11.94 1.53 -10.37
CA TRP A 285 -11.49 0.58 -9.35
C TRP A 285 -12.18 0.76 -7.98
N THR A 286 -12.59 2.00 -7.66
CA THR A 286 -13.25 2.29 -6.38
C THR A 286 -14.47 1.40 -6.15
N ARG A 287 -15.12 0.94 -7.21
CA ARG A 287 -16.28 0.08 -7.08
C ARG A 287 -15.98 -1.21 -6.31
N ILE A 288 -14.70 -1.62 -6.22
CA ILE A 288 -14.41 -2.84 -5.47
C ILE A 288 -14.87 -2.72 -4.02
N ILE A 289 -15.07 -1.49 -3.52
CA ILE A 289 -15.43 -1.30 -2.11
C ILE A 289 -16.77 -1.96 -1.81
N ASP A 290 -17.68 -2.06 -2.79
CA ASP A 290 -18.98 -2.66 -2.56
C ASP A 290 -18.84 -4.11 -2.12
N GLY A 291 -18.03 -4.88 -2.85
CA GLY A 291 -17.83 -6.30 -2.54
C GLY A 291 -17.01 -6.52 -1.26
N ILE A 292 -16.15 -5.56 -0.93
CA ILE A 292 -15.41 -5.56 0.34
C ILE A 292 -16.37 -5.32 1.52
N ARG A 293 -17.32 -4.39 1.38
CA ARG A 293 -18.26 -4.05 2.42
C ARG A 293 -19.22 -5.21 2.69
N SER A 294 -19.60 -5.95 1.65
CA SER A 294 -20.58 -7.02 1.78
C SER A 294 -20.07 -8.28 1.09
N PRO A 295 -19.20 -9.07 1.77
CA PRO A 295 -18.66 -10.30 1.19
C PRO A 295 -19.62 -11.49 1.03
N ASP B 5 11.99 13.75 -35.22
CA ASP B 5 11.94 12.38 -35.81
C ASP B 5 10.59 12.18 -36.50
N ARG B 6 10.61 11.44 -37.62
CA ARG B 6 9.43 11.22 -38.43
C ARG B 6 9.21 9.73 -38.65
N THR B 7 9.80 8.86 -37.81
CA THR B 7 9.54 7.43 -37.94
C THR B 7 8.03 7.20 -37.95
N PRO B 8 7.47 6.49 -38.94
CA PRO B 8 6.04 6.18 -38.92
C PRO B 8 5.75 5.10 -37.87
N VAL B 9 4.69 5.34 -37.07
CA VAL B 9 4.28 4.46 -35.99
C VAL B 9 2.89 3.90 -36.28
N THR B 10 2.55 2.74 -35.86
CA THR B 10 1.28 2.05 -35.77
C THR B 10 0.99 1.83 -34.31
N LEU B 11 -0.21 2.18 -33.93
CA LEU B 11 -0.65 1.94 -32.57
C LEU B 11 -1.99 1.22 -32.63
N ILE B 12 -2.02 0.06 -31.99
CA ILE B 12 -3.21 -0.77 -31.91
C ILE B 12 -3.68 -0.81 -30.46
N GLY B 13 -4.95 -0.43 -30.25
CA GLY B 13 -5.59 -0.40 -28.94
C GLY B 13 -5.82 1.05 -28.51
N LEU B 14 -7.09 1.47 -28.47
CA LEU B 14 -7.41 2.86 -28.20
C LEU B 14 -8.33 2.97 -26.99
N GLY B 15 -7.91 2.31 -25.91
CA GLY B 15 -8.38 2.69 -24.60
C GLY B 15 -7.75 4.01 -24.20
N PRO B 16 -7.91 4.47 -22.94
CA PRO B 16 -7.32 5.75 -22.55
C PRO B 16 -5.81 5.84 -22.80
N MET B 17 -5.07 4.75 -22.57
CA MET B 17 -3.63 4.79 -22.72
C MET B 17 -3.25 4.93 -24.21
N GLY B 18 -3.86 4.10 -25.07
CA GLY B 18 -3.59 4.16 -26.50
C GLY B 18 -3.85 5.54 -27.10
N GLN B 19 -4.94 6.16 -26.67
CA GLN B 19 -5.35 7.46 -27.18
C GLN B 19 -4.35 8.52 -26.76
N ALA B 20 -3.94 8.50 -25.47
CA ALA B 20 -2.97 9.46 -24.97
C ALA B 20 -1.61 9.26 -25.65
N MET B 21 -1.21 8.02 -25.86
CA MET B 21 0.08 7.75 -26.47
C MET B 21 0.11 8.16 -27.93
N THR B 22 -1.01 7.94 -28.64
CA THR B 22 -1.15 8.38 -30.02
C THR B 22 -0.95 9.89 -30.08
N ARG B 23 -1.63 10.62 -29.18
CA ARG B 23 -1.56 12.08 -29.17
C ARG B 23 -0.13 12.56 -28.93
N ALA B 24 0.58 11.90 -28.02
CA ALA B 24 1.94 12.28 -27.68
C ALA B 24 2.84 12.10 -28.90
N LEU B 25 2.66 10.96 -29.60
CA LEU B 25 3.47 10.63 -30.75
C LEU B 25 3.17 11.58 -31.91
N LEU B 26 1.89 11.96 -32.09
CA LEU B 26 1.50 12.92 -33.12
C LEU B 26 2.14 14.29 -32.83
N ALA B 27 2.09 14.71 -31.56
CA ALA B 27 2.63 16.00 -31.16
C ALA B 27 4.13 16.08 -31.40
N ALA B 28 4.82 14.93 -31.43
CA ALA B 28 6.25 14.91 -31.61
C ALA B 28 6.62 14.75 -33.09
N GLY B 29 5.62 14.76 -33.98
CA GLY B 29 5.86 14.83 -35.42
C GLY B 29 5.88 13.46 -36.09
N HIS B 30 5.43 12.43 -35.37
CA HIS B 30 5.34 11.11 -35.97
C HIS B 30 4.01 10.95 -36.69
N PRO B 31 4.01 10.40 -37.92
CA PRO B 31 2.77 9.85 -38.50
C PRO B 31 2.34 8.70 -37.59
N VAL B 32 1.07 8.70 -37.20
CA VAL B 32 0.52 7.56 -36.46
C VAL B 32 -0.68 7.01 -37.22
N THR B 33 -0.60 5.72 -37.53
CA THR B 33 -1.72 4.95 -38.07
C THR B 33 -2.27 4.06 -36.96
N VAL B 34 -3.58 4.13 -36.72
CA VAL B 34 -4.20 3.44 -35.59
C VAL B 34 -5.15 2.38 -36.13
N TRP B 35 -5.35 1.36 -35.33
CA TRP B 35 -6.41 0.41 -35.56
C TRP B 35 -7.02 0.02 -34.22
N ASN B 36 -8.33 -0.26 -34.20
CA ASN B 36 -9.01 -0.61 -32.96
C ASN B 36 -10.11 -1.61 -33.28
N ARG B 37 -10.34 -2.52 -32.33
CA ARG B 37 -11.46 -3.45 -32.40
C ARG B 37 -12.77 -2.69 -32.57
N THR B 38 -12.88 -1.54 -31.90
CA THR B 38 -14.04 -0.68 -31.99
C THR B 38 -13.63 0.60 -32.71
N PRO B 39 -13.79 0.71 -34.05
CA PRO B 39 -13.22 1.84 -34.79
C PRO B 39 -13.77 3.21 -34.41
N ALA B 40 -15.01 3.25 -33.92
CA ALA B 40 -15.67 4.49 -33.49
C ALA B 40 -14.83 5.21 -32.44
N ARG B 41 -14.12 4.43 -31.63
CA ARG B 41 -13.26 4.95 -30.58
C ARG B 41 -12.08 5.75 -31.12
N ALA B 42 -11.75 5.62 -32.42
CA ALA B 42 -10.62 6.32 -33.01
C ALA B 42 -10.93 7.77 -33.41
N ALA B 43 -12.20 8.20 -33.32
CA ALA B 43 -12.64 9.51 -33.82
C ALA B 43 -11.80 10.66 -33.28
N GLY B 44 -11.53 10.65 -31.96
CA GLY B 44 -10.72 11.65 -31.28
C GLY B 44 -9.32 11.76 -31.87
N VAL B 45 -8.61 10.63 -31.97
CA VAL B 45 -7.22 10.66 -32.41
C VAL B 45 -7.15 10.94 -33.92
N VAL B 46 -8.16 10.52 -34.68
CA VAL B 46 -8.27 10.91 -36.07
C VAL B 46 -8.38 12.44 -36.21
N ALA B 47 -9.24 13.08 -35.40
CA ALA B 47 -9.30 14.54 -35.38
C ALA B 47 -7.94 15.16 -35.05
N ASP B 48 -7.08 14.45 -34.31
CA ASP B 48 -5.77 15.00 -33.96
C ASP B 48 -4.71 14.66 -35.00
N GLY B 49 -5.06 13.92 -36.05
CA GLY B 49 -4.15 13.73 -37.16
C GLY B 49 -3.75 12.27 -37.38
N ALA B 50 -4.26 11.36 -36.54
CA ALA B 50 -3.99 9.95 -36.76
C ALA B 50 -4.77 9.50 -37.97
N VAL B 51 -4.26 8.47 -38.65
CA VAL B 51 -4.97 7.85 -39.75
C VAL B 51 -5.53 6.53 -39.26
N LEU B 52 -6.82 6.29 -39.49
CA LEU B 52 -7.44 5.04 -39.12
C LEU B 52 -7.29 4.03 -40.25
N ALA B 53 -6.50 2.99 -39.99
CA ALA B 53 -6.39 1.91 -40.95
C ALA B 53 -7.67 1.07 -40.88
N ALA B 54 -8.04 0.48 -42.02
CA ALA B 54 -9.27 -0.27 -42.11
C ALA B 54 -9.09 -1.67 -41.53
N SER B 55 -7.87 -2.20 -41.63
CA SER B 55 -7.59 -3.57 -41.25
C SER B 55 -6.30 -3.61 -40.43
N PRO B 56 -6.11 -4.65 -39.59
CA PRO B 56 -4.81 -4.84 -38.91
C PRO B 56 -3.63 -4.94 -39.89
N VAL B 57 -3.80 -5.64 -41.02
CA VAL B 57 -2.73 -5.77 -42.02
C VAL B 57 -2.32 -4.39 -42.51
N GLU B 58 -3.29 -3.57 -42.90
CA GLU B 58 -3.01 -2.22 -43.40
C GLU B 58 -2.32 -1.41 -42.32
N ALA B 59 -2.77 -1.57 -41.06
CA ALA B 59 -2.18 -0.85 -39.93
C ALA B 59 -0.70 -1.22 -39.76
N VAL B 60 -0.42 -2.52 -39.74
CA VAL B 60 0.95 -3.03 -39.57
C VAL B 60 1.85 -2.56 -40.72
N GLU B 61 1.32 -2.57 -41.95
CA GLU B 61 2.14 -2.24 -43.11
C GLU B 61 2.43 -0.74 -43.18
N ALA B 62 1.79 0.07 -42.34
CA ALA B 62 2.04 1.50 -42.34
C ALA B 62 3.12 1.93 -41.34
N GLY B 63 3.66 1.01 -40.53
CA GLY B 63 4.65 1.41 -39.54
C GLY B 63 5.88 0.50 -39.46
N ASP B 64 7.03 1.14 -39.16
CA ASP B 64 8.26 0.48 -38.77
C ASP B 64 8.12 -0.10 -37.37
N LEU B 65 7.29 0.58 -36.57
CA LEU B 65 7.08 0.31 -35.16
C LEU B 65 5.58 0.05 -34.97
N VAL B 66 5.25 -1.10 -34.38
CA VAL B 66 3.87 -1.44 -34.07
C VAL B 66 3.74 -1.53 -32.54
N ILE B 67 3.06 -0.54 -31.95
CA ILE B 67 2.80 -0.46 -30.51
C ILE B 67 1.43 -1.03 -30.19
N LEU B 68 1.39 -1.91 -29.17
CA LEU B 68 0.15 -2.49 -28.67
C LEU B 68 -0.18 -1.94 -27.29
N SER B 69 -1.40 -1.42 -27.17
CA SER B 69 -1.92 -0.97 -25.89
C SER B 69 -3.25 -1.66 -25.66
N LEU B 70 -3.18 -2.93 -25.22
CA LEU B 70 -4.33 -3.81 -25.11
C LEU B 70 -4.43 -4.37 -23.68
N THR B 71 -5.62 -4.87 -23.33
CA THR B 71 -5.88 -5.34 -21.99
C THR B 71 -4.90 -6.45 -21.60
N ASP B 72 -4.54 -7.33 -22.55
CA ASP B 72 -3.66 -8.46 -22.25
C ASP B 72 -2.99 -8.93 -23.52
N TYR B 73 -2.14 -9.96 -23.43
CA TYR B 73 -1.41 -10.43 -24.60
C TYR B 73 -2.30 -11.28 -25.52
N GLN B 74 -3.36 -11.90 -24.99
CA GLN B 74 -4.27 -12.65 -25.86
C GLN B 74 -4.82 -11.69 -26.93
N ALA B 75 -5.11 -10.44 -26.54
CA ALA B 75 -5.60 -9.45 -27.47
C ALA B 75 -4.59 -9.21 -28.60
N MET B 76 -3.28 -9.26 -28.30
CA MET B 76 -2.29 -9.07 -29.33
C MET B 76 -2.42 -10.16 -30.39
N TYR B 77 -2.53 -11.42 -29.95
CA TYR B 77 -2.72 -12.54 -30.87
C TYR B 77 -4.03 -12.38 -31.65
N ASP B 78 -5.12 -12.01 -30.99
CA ASP B 78 -6.42 -11.83 -31.63
C ASP B 78 -6.34 -10.86 -32.81
N VAL B 79 -5.64 -9.73 -32.61
CA VAL B 79 -5.60 -8.68 -33.60
C VAL B 79 -4.54 -8.95 -34.67
N LEU B 80 -3.39 -9.53 -34.30
CA LEU B 80 -2.26 -9.63 -35.22
C LEU B 80 -2.21 -10.96 -35.97
N GLU B 81 -2.88 -12.01 -35.49
CA GLU B 81 -2.79 -13.31 -36.14
C GLU B 81 -3.14 -13.20 -37.63
N PRO B 82 -4.24 -12.56 -38.08
CA PRO B 82 -4.47 -12.37 -39.50
C PRO B 82 -3.39 -11.58 -40.26
N ALA B 83 -2.54 -10.85 -39.54
CA ALA B 83 -1.56 -9.96 -40.15
C ALA B 83 -0.13 -10.48 -40.01
N THR B 84 0.05 -11.76 -39.64
CA THR B 84 1.36 -12.26 -39.27
C THR B 84 2.31 -12.19 -40.47
N GLY B 85 1.74 -12.27 -41.68
CA GLY B 85 2.53 -12.24 -42.90
C GLY B 85 3.17 -10.87 -43.15
N SER B 86 2.71 -9.83 -42.45
CA SER B 86 3.21 -8.48 -42.68
C SER B 86 4.16 -7.99 -41.57
N LEU B 87 4.44 -8.86 -40.58
CA LEU B 87 5.27 -8.49 -39.44
C LEU B 87 6.76 -8.42 -39.77
N ALA B 88 7.22 -9.12 -40.82
CA ALA B 88 8.65 -9.30 -41.02
C ALA B 88 9.31 -7.92 -41.21
N GLY B 89 10.41 -7.71 -40.50
CA GLY B 89 11.22 -6.50 -40.65
C GLY B 89 10.73 -5.36 -39.77
N ARG B 90 9.66 -5.57 -38.98
CA ARG B 90 9.13 -4.52 -38.13
C ARG B 90 9.43 -4.87 -36.67
N THR B 91 9.35 -3.86 -35.79
CA THR B 91 9.48 -4.03 -34.35
C THR B 91 8.11 -3.93 -33.68
N VAL B 92 7.71 -4.97 -32.97
CA VAL B 92 6.53 -4.96 -32.13
C VAL B 92 6.94 -4.47 -30.74
N VAL B 93 6.29 -3.42 -30.24
CA VAL B 93 6.47 -2.91 -28.89
C VAL B 93 5.18 -3.14 -28.14
N ASN B 94 5.16 -4.13 -27.25
CA ASN B 94 3.93 -4.42 -26.53
C ASN B 94 3.96 -3.68 -25.19
N LEU B 95 3.02 -2.72 -25.01
CA LEU B 95 2.89 -1.93 -23.79
C LEU B 95 1.68 -2.38 -22.96
N SER B 96 1.45 -3.70 -22.92
CA SER B 96 0.28 -4.32 -22.27
C SER B 96 0.68 -5.17 -21.06
N SER B 97 -0.24 -5.28 -20.10
CA SER B 97 -0.10 -6.15 -18.95
C SER B 97 -0.29 -7.61 -19.37
N ASP B 98 0.58 -8.48 -18.83
CA ASP B 98 0.42 -9.94 -18.85
C ASP B 98 1.51 -10.53 -17.96
N THR B 99 1.59 -11.87 -17.90
CA THR B 99 2.65 -12.52 -17.15
C THR B 99 3.97 -12.47 -17.90
N PRO B 100 5.11 -12.45 -17.17
CA PRO B 100 6.44 -12.53 -17.79
C PRO B 100 6.64 -13.67 -18.79
N ASP B 101 6.10 -14.85 -18.50
CA ASP B 101 6.29 -16.01 -19.35
C ASP B 101 5.43 -15.92 -20.62
N ARG B 102 4.23 -15.33 -20.54
CA ARG B 102 3.45 -15.03 -21.73
C ARG B 102 4.21 -14.04 -22.60
N THR B 103 4.85 -13.07 -21.96
CA THR B 103 5.59 -12.05 -22.67
C THR B 103 6.75 -12.70 -23.44
N ARG B 104 7.55 -13.56 -22.77
CA ARG B 104 8.72 -14.19 -23.37
C ARG B 104 8.34 -15.02 -24.60
N ALA B 105 7.27 -15.80 -24.47
CA ALA B 105 6.77 -16.61 -25.57
C ALA B 105 6.30 -15.73 -26.74
N ALA B 106 5.72 -14.56 -26.42
CA ALA B 106 5.27 -13.63 -27.44
C ALA B 106 6.45 -13.06 -28.21
N ALA B 107 7.54 -12.73 -27.51
CA ALA B 107 8.79 -12.35 -28.16
C ALA B 107 9.25 -13.41 -29.16
N ASP B 108 9.23 -14.68 -28.78
CA ASP B 108 9.61 -15.76 -29.68
C ASP B 108 8.63 -15.83 -30.86
N TRP B 109 7.33 -15.65 -30.61
CA TRP B 109 6.34 -15.61 -31.69
C TRP B 109 6.65 -14.49 -32.68
N ALA B 110 7.01 -13.30 -32.18
CA ALA B 110 7.42 -12.21 -33.04
C ALA B 110 8.62 -12.58 -33.93
N THR B 111 9.67 -13.12 -33.31
CA THR B 111 10.90 -13.48 -34.00
C THR B 111 10.61 -14.47 -35.13
N GLU B 112 9.80 -15.49 -34.80
CA GLU B 112 9.40 -16.51 -35.75
C GLU B 112 8.75 -15.88 -36.99
N HIS B 113 8.00 -14.77 -36.78
CA HIS B 113 7.34 -14.08 -37.88
C HIS B 113 8.23 -12.95 -38.44
N GLY B 114 9.52 -12.97 -38.09
CA GLY B 114 10.50 -12.11 -38.74
C GLY B 114 10.59 -10.70 -38.18
N ALA B 115 9.92 -10.46 -37.04
CA ALA B 115 9.91 -9.16 -36.39
C ALA B 115 10.84 -9.18 -35.18
N THR B 116 11.19 -7.99 -34.68
CA THR B 116 11.80 -7.83 -33.37
C THR B 116 10.70 -7.46 -32.38
N PHE B 117 11.04 -7.57 -31.09
CA PHE B 117 10.07 -7.40 -30.02
C PHE B 117 10.71 -6.67 -28.85
N LEU B 118 10.03 -5.62 -28.37
CA LEU B 118 10.39 -4.92 -27.14
C LEU B 118 9.19 -4.99 -26.19
N THR B 119 9.47 -5.29 -24.91
CA THR B 119 8.48 -5.23 -23.85
C THR B 119 8.52 -3.86 -23.20
N GLY B 120 7.35 -3.26 -22.99
CA GLY B 120 7.25 -2.04 -22.20
C GLY B 120 6.12 -2.12 -21.17
N GLY B 121 6.36 -1.47 -20.02
CA GLY B 121 5.39 -1.30 -18.94
C GLY B 121 5.25 0.18 -18.59
N VAL B 122 4.09 0.74 -18.91
CA VAL B 122 3.84 2.16 -18.75
C VAL B 122 3.38 2.43 -17.31
N MET B 123 4.05 3.36 -16.62
CA MET B 123 3.95 3.42 -15.16
C MET B 123 3.10 4.59 -14.67
N ILE B 124 2.37 5.28 -15.56
CA ILE B 124 1.54 6.41 -15.20
C ILE B 124 0.16 6.32 -15.85
N PRO B 125 -0.87 7.00 -15.27
CA PRO B 125 -2.18 7.09 -15.91
C PRO B 125 -2.15 7.96 -17.15
N ALA B 126 -3.21 7.83 -17.96
CA ALA B 126 -3.30 8.43 -19.27
C ALA B 126 -2.98 9.92 -19.25
N PRO B 127 -3.55 10.73 -18.34
CA PRO B 127 -3.32 12.17 -18.37
C PRO B 127 -1.86 12.57 -18.14
N MET B 128 -1.04 11.66 -17.61
CA MET B 128 0.36 11.95 -17.35
C MET B 128 1.26 11.46 -18.49
N VAL B 129 0.72 10.70 -19.46
CA VAL B 129 1.50 10.26 -20.60
C VAL B 129 2.10 11.48 -21.32
N GLY B 130 3.38 11.36 -21.67
CA GLY B 130 4.08 12.38 -22.43
C GLY B 130 4.50 13.58 -21.59
N THR B 131 4.37 13.49 -20.27
CA THR B 131 4.79 14.57 -19.38
C THR B 131 6.08 14.18 -18.67
N GLU B 132 6.64 15.15 -17.93
CA GLU B 132 7.88 14.95 -17.20
C GLU B 132 7.71 13.91 -16.08
N GLU B 133 6.47 13.62 -15.69
CA GLU B 133 6.20 12.64 -14.66
C GLU B 133 6.13 11.22 -15.24
N ALA B 134 6.03 11.08 -16.57
CA ALA B 134 5.84 9.77 -17.18
C ALA B 134 7.14 8.98 -17.20
N TYR B 135 7.01 7.65 -17.04
CA TYR B 135 8.14 6.76 -17.21
C TYR B 135 7.64 5.38 -17.62
N VAL B 136 8.49 4.65 -18.34
CA VAL B 136 8.16 3.36 -18.94
C VAL B 136 9.35 2.44 -18.79
N TYR B 137 9.10 1.21 -18.30
CA TYR B 137 10.13 0.18 -18.25
C TYR B 137 10.19 -0.52 -19.60
N TYR B 138 11.40 -0.83 -20.06
CA TYR B 138 11.62 -1.55 -21.31
C TYR B 138 12.61 -2.69 -21.09
N SER B 139 12.33 -3.80 -21.75
CA SER B 139 13.32 -4.86 -21.86
C SER B 139 13.21 -5.52 -23.24
N GLY B 140 14.28 -6.26 -23.59
CA GLY B 140 14.44 -6.85 -24.91
C GLY B 140 15.79 -6.49 -25.51
N PRO B 141 16.02 -6.79 -26.81
CA PRO B 141 17.31 -6.57 -27.45
C PRO B 141 17.74 -5.10 -27.39
N ALA B 142 18.93 -4.86 -26.86
CA ALA B 142 19.43 -3.50 -26.64
C ALA B 142 19.45 -2.68 -27.94
N GLU B 143 19.85 -3.31 -29.06
CA GLU B 143 20.01 -2.59 -30.32
C GLU B 143 18.64 -2.15 -30.82
N VAL B 144 17.61 -2.96 -30.56
CA VAL B 144 16.25 -2.64 -30.97
C VAL B 144 15.74 -1.46 -30.14
N PHE B 145 15.96 -1.50 -28.82
CA PHE B 145 15.61 -0.39 -27.96
C PHE B 145 16.33 0.88 -28.42
N GLU B 146 17.62 0.76 -28.74
CA GLU B 146 18.40 1.98 -29.01
C GLU B 146 17.92 2.59 -30.32
N LYS B 147 17.58 1.74 -31.29
CA LYS B 147 17.04 2.19 -32.56
C LYS B 147 15.79 3.06 -32.37
N HIS B 148 14.87 2.63 -31.50
CA HIS B 148 13.56 3.27 -31.37
C HIS B 148 13.45 4.16 -30.13
N ARG B 149 14.58 4.41 -29.44
CA ARG B 149 14.58 5.09 -28.15
C ARG B 149 13.97 6.47 -28.28
N THR B 150 14.37 7.23 -29.29
CA THR B 150 13.95 8.62 -29.37
C THR B 150 12.44 8.68 -29.60
N THR B 151 11.92 7.74 -30.39
CA THR B 151 10.49 7.65 -30.65
C THR B 151 9.74 7.30 -29.36
N LEU B 152 10.20 6.27 -28.65
CA LEU B 152 9.49 5.78 -27.48
C LEU B 152 9.50 6.82 -26.35
N THR B 153 10.59 7.60 -26.25
CA THR B 153 10.77 8.51 -25.13
C THR B 153 9.65 9.54 -25.10
N VAL B 154 8.96 9.75 -26.22
CA VAL B 154 7.87 10.71 -26.29
C VAL B 154 6.76 10.35 -25.30
N ILE B 155 6.53 9.05 -25.09
CA ILE B 155 5.50 8.55 -24.19
C ILE B 155 5.90 8.77 -22.73
N GLY B 156 7.19 8.64 -22.44
CA GLY B 156 7.68 8.79 -21.08
C GLY B 156 9.12 8.36 -20.94
N ALA B 157 9.78 8.85 -19.88
CA ALA B 157 11.18 8.58 -19.62
C ALA B 157 11.40 7.06 -19.66
N PRO B 158 12.26 6.55 -20.58
CA PRO B 158 12.51 5.11 -20.69
C PRO B 158 13.46 4.61 -19.61
N ARG B 159 13.16 3.43 -19.05
CA ARG B 159 14.04 2.76 -18.11
C ARG B 159 14.28 1.36 -18.68
N TYR B 160 15.39 1.22 -19.42
CA TYR B 160 15.78 -0.04 -20.01
C TYR B 160 16.39 -0.92 -18.93
N LEU B 161 15.90 -2.16 -18.81
CA LEU B 161 16.29 -3.03 -17.70
C LEU B 161 17.23 -4.17 -18.15
N GLY B 162 17.30 -4.44 -19.45
CA GLY B 162 18.16 -5.48 -19.99
C GLY B 162 17.48 -6.31 -21.09
N GLU B 163 18.09 -7.45 -21.40
CA GLU B 163 17.84 -8.21 -22.61
C GLU B 163 16.60 -9.11 -22.46
N ASP B 164 16.33 -9.59 -21.26
CA ASP B 164 15.23 -10.52 -21.03
C ASP B 164 13.89 -9.83 -21.28
N THR B 165 13.14 -10.27 -22.31
CA THR B 165 11.87 -9.63 -22.64
C THR B 165 10.88 -9.70 -21.47
N GLY B 166 11.03 -10.70 -20.60
CA GLY B 166 10.16 -10.88 -19.44
C GLY B 166 10.42 -9.90 -18.30
N LEU B 167 11.58 -9.22 -18.30
CA LEU B 167 12.00 -8.45 -17.14
C LEU B 167 11.19 -7.15 -16.97
N ALA B 168 10.92 -6.40 -18.05
CA ALA B 168 10.09 -5.21 -17.92
C ALA B 168 8.67 -5.58 -17.50
N GLN B 169 8.20 -6.74 -17.95
CA GLN B 169 6.89 -7.22 -17.55
C GLN B 169 6.90 -7.56 -16.05
N LEU B 170 7.91 -8.30 -15.60
CA LEU B 170 8.08 -8.64 -14.19
C LEU B 170 8.10 -7.38 -13.32
N MET B 171 8.79 -6.33 -13.78
CA MET B 171 8.84 -5.07 -13.06
C MET B 171 7.47 -4.40 -13.01
N TYR B 172 6.73 -4.42 -14.13
CA TYR B 172 5.39 -3.84 -14.18
C TYR B 172 4.50 -4.61 -13.19
N GLN B 173 4.51 -5.94 -13.26
CA GLN B 173 3.66 -6.74 -12.39
C GLN B 173 4.04 -6.53 -10.94
N ALA B 174 5.32 -6.35 -10.62
CA ALA B 174 5.74 -6.09 -9.25
C ALA B 174 5.24 -4.72 -8.77
N GLN B 175 5.35 -3.70 -9.65
CA GLN B 175 4.87 -2.38 -9.29
C GLN B 175 3.36 -2.42 -9.05
N LEU B 176 2.65 -3.11 -9.94
CA LEU B 176 1.19 -3.12 -9.87
C LEU B 176 0.76 -4.00 -8.70
N ASP B 177 1.61 -4.97 -8.30
CA ASP B 177 1.42 -5.74 -7.06
C ASP B 177 1.27 -4.78 -5.87
N VAL B 178 2.22 -3.84 -5.76
CA VAL B 178 2.19 -2.85 -4.70
C VAL B 178 0.99 -1.93 -4.88
N PHE B 179 0.83 -1.37 -6.09
CA PHE B 179 -0.22 -0.40 -6.35
C PHE B 179 -1.60 -1.00 -6.12
N LEU B 180 -1.94 -2.12 -6.77
CA LEU B 180 -3.28 -2.65 -6.61
C LEU B 180 -3.53 -3.11 -5.17
N THR B 181 -2.51 -3.68 -4.51
CA THR B 181 -2.68 -4.14 -3.13
C THR B 181 -2.92 -2.94 -2.21
N THR B 182 -2.16 -1.85 -2.44
CA THR B 182 -2.36 -0.64 -1.67
C THR B 182 -3.78 -0.12 -1.87
N LEU B 183 -4.24 -0.05 -3.15
CA LEU B 183 -5.58 0.44 -3.43
C LEU B 183 -6.62 -0.45 -2.73
N SER B 184 -6.46 -1.77 -2.81
CA SER B 184 -7.40 -2.64 -2.11
C SER B 184 -7.42 -2.33 -0.61
N SER B 185 -6.24 -2.07 -0.02
CA SER B 185 -6.13 -1.78 1.40
C SER B 185 -6.84 -0.46 1.74
N LEU B 186 -6.76 0.53 0.83
CA LEU B 186 -7.48 1.78 1.06
C LEU B 186 -8.99 1.55 1.08
N MET B 187 -9.50 0.73 0.16
CA MET B 187 -10.92 0.46 0.09
C MET B 187 -11.34 -0.38 1.31
N HIS B 188 -10.51 -1.34 1.69
CA HIS B 188 -10.73 -2.16 2.88
C HIS B 188 -10.87 -1.28 4.13
N ALA B 189 -9.90 -0.39 4.34
CA ALA B 189 -9.89 0.50 5.50
C ALA B 189 -11.09 1.44 5.47
N THR B 190 -11.44 1.94 4.27
CA THR B 190 -12.56 2.86 4.12
C THR B 190 -13.84 2.13 4.49
N ALA B 191 -13.98 0.87 4.06
CA ALA B 191 -15.13 0.04 4.44
C ALA B 191 -15.18 -0.17 5.95
N LEU B 192 -14.02 -0.43 6.56
CA LEU B 192 -13.93 -0.67 7.99
C LEU B 192 -14.45 0.53 8.76
N LEU B 193 -13.92 1.72 8.43
CA LEU B 193 -14.36 2.95 9.04
C LEU B 193 -15.84 3.24 8.76
N GLY B 194 -16.31 2.83 7.58
CA GLY B 194 -17.73 2.96 7.21
C GLY B 194 -18.68 2.31 8.21
N THR B 195 -18.24 1.26 8.91
CA THR B 195 -19.13 0.54 9.80
C THR B 195 -19.35 1.27 11.12
N ALA B 196 -18.68 2.40 11.34
CA ALA B 196 -19.04 3.30 12.42
C ALA B 196 -19.61 4.59 11.86
N GLY B 197 -20.03 4.57 10.58
CA GLY B 197 -20.68 5.71 9.96
C GLY B 197 -19.71 6.82 9.57
N VAL B 198 -18.41 6.48 9.43
CA VAL B 198 -17.44 7.42 8.86
C VAL B 198 -17.53 7.34 7.33
N SER B 199 -17.65 8.51 6.70
CA SER B 199 -17.79 8.58 5.25
C SER B 199 -16.41 8.46 4.61
N ALA B 200 -16.40 8.12 3.32
CA ALA B 200 -15.17 7.99 2.57
C ALA B 200 -14.49 9.34 2.40
N ALA B 201 -15.31 10.41 2.36
CA ALA B 201 -14.75 11.75 2.24
C ALA B 201 -13.97 12.12 3.51
N GLU B 202 -14.34 11.53 4.65
CA GLU B 202 -13.62 11.77 5.88
C GLU B 202 -12.40 10.85 5.96
N SER B 203 -12.59 9.57 5.65
CA SER B 203 -11.59 8.57 5.94
C SER B 203 -10.43 8.64 4.93
N MET B 204 -10.71 8.86 3.64
CA MET B 204 -9.69 8.71 2.61
C MET B 204 -8.58 9.75 2.77
N PRO B 205 -8.83 11.04 3.08
CA PRO B 205 -7.73 11.96 3.36
C PRO B 205 -6.86 11.57 4.57
N GLU B 206 -7.46 10.96 5.59
CA GLU B 206 -6.68 10.47 6.72
C GLU B 206 -5.75 9.35 6.23
N LEU B 207 -6.29 8.42 5.46
CA LEU B 207 -5.56 7.25 5.02
C LEU B 207 -4.45 7.65 4.05
N ILE B 208 -4.79 8.52 3.12
CA ILE B 208 -3.84 8.99 2.12
C ILE B 208 -2.77 9.83 2.79
N GLY B 209 -3.16 10.63 3.79
CA GLY B 209 -2.21 11.40 4.57
C GLY B 209 -1.16 10.50 5.24
N MET B 210 -1.59 9.33 5.72
CA MET B 210 -0.67 8.39 6.35
C MET B 210 0.23 7.79 5.26
N LEU B 211 -0.38 7.42 4.13
CA LEU B 211 0.36 6.74 3.06
C LEU B 211 1.48 7.65 2.54
N ARG B 212 1.19 8.94 2.45
CA ARG B 212 2.17 9.95 2.08
C ARG B 212 3.44 9.85 2.93
N THR B 213 3.33 9.48 4.22
CA THR B 213 4.47 9.46 5.14
C THR B 213 5.24 8.14 5.10
N VAL B 214 4.76 7.13 4.36
CA VAL B 214 5.31 5.80 4.51
C VAL B 214 6.80 5.76 4.15
N PRO B 215 7.26 6.32 3.01
CA PRO B 215 8.71 6.36 2.78
C PRO B 215 9.53 6.92 3.95
N ALA B 216 9.02 7.94 4.65
CA ALA B 216 9.75 8.54 5.77
C ALA B 216 9.66 7.70 7.05
N MET B 217 8.52 7.02 7.28
CA MET B 217 8.35 6.21 8.48
C MET B 217 9.27 4.98 8.41
N LEU B 218 9.50 4.52 7.18
CA LEU B 218 10.38 3.40 6.91
C LEU B 218 11.86 3.76 7.10
N GLU B 219 12.20 5.05 6.93
CA GLU B 219 13.61 5.49 6.98
C GLU B 219 14.00 5.90 8.42
N ALA B 220 13.00 6.12 9.29
CA ALA B 220 13.19 6.71 10.61
C ALA B 220 14.10 5.83 11.46
N GLY B 221 15.04 6.49 12.15
CA GLY B 221 15.97 5.83 13.06
C GLY B 221 17.04 4.98 12.36
N GLY B 222 17.23 5.20 11.04
CA GLY B 222 18.35 4.63 10.30
C GLY B 222 18.09 3.24 9.69
N GLU B 223 16.81 2.83 9.60
CA GLU B 223 16.44 1.61 8.90
C GLU B 223 16.62 1.82 7.39
N ASN B 224 17.02 0.77 6.65
CA ASN B 224 17.26 0.85 5.22
C ASN B 224 16.82 -0.46 4.55
N PRO B 225 15.50 -0.76 4.57
CA PRO B 225 14.97 -2.13 4.40
C PRO B 225 15.55 -3.05 3.34
N GLY B 226 15.91 -2.50 2.17
CA GLY B 226 16.35 -3.28 1.03
C GLY B 226 17.68 -3.99 1.28
N ALA B 227 18.72 -3.19 1.54
CA ALA B 227 20.05 -3.71 1.83
C ALA B 227 19.99 -4.66 3.03
N ASP B 228 19.11 -4.36 3.97
CA ASP B 228 18.90 -5.19 5.15
C ASP B 228 18.34 -6.55 4.77
N ILE B 229 17.34 -6.60 3.86
CA ILE B 229 16.79 -7.84 3.33
C ILE B 229 17.87 -8.65 2.60
N ASP B 230 18.74 -7.95 1.86
CA ASP B 230 19.79 -8.60 1.10
C ASP B 230 20.79 -9.27 2.06
N ALA B 231 20.96 -8.67 3.24
CA ALA B 231 21.92 -9.15 4.22
C ALA B 231 21.32 -10.19 5.18
N ASP B 232 20.06 -10.59 4.99
CA ASP B 232 19.35 -11.41 5.97
C ASP B 232 19.44 -10.76 7.36
N LYS B 233 19.35 -9.42 7.40
CA LYS B 233 19.50 -8.61 8.61
C LYS B 233 18.15 -7.97 8.96
N HIS B 234 17.49 -8.48 10.01
CA HIS B 234 16.17 -8.03 10.37
C HIS B 234 16.08 -7.66 11.87
N PRO B 235 16.82 -6.64 12.35
CA PRO B 235 16.82 -6.30 13.78
C PRO B 235 15.49 -5.68 14.21
N GLY B 236 14.92 -6.15 15.33
CA GLY B 236 13.56 -5.81 15.72
C GLY B 236 13.46 -4.75 16.82
N ASP B 237 14.48 -3.90 16.98
CA ASP B 237 14.55 -3.03 18.14
C ASP B 237 13.54 -1.87 18.02
N LEU B 238 13.03 -1.55 16.82
CA LEU B 238 12.06 -0.47 16.71
C LEU B 238 10.64 -0.96 16.44
N SER B 239 10.51 -2.24 16.06
CA SER B 239 9.22 -2.84 15.80
C SER B 239 9.44 -4.33 15.59
N THR B 240 8.69 -5.17 16.28
CA THR B 240 8.87 -6.59 16.10
C THR B 240 7.70 -7.18 15.32
N ILE B 241 7.96 -8.37 14.78
CA ILE B 241 6.95 -9.18 14.12
C ILE B 241 5.87 -9.57 15.14
N THR B 242 6.24 -9.81 16.40
CA THR B 242 5.23 -10.14 17.40
C THR B 242 4.21 -9.00 17.54
N MET B 243 4.71 -7.77 17.57
CA MET B 243 3.90 -6.58 17.84
C MET B 243 3.07 -6.25 16.60
N MET B 244 3.66 -6.37 15.42
CA MET B 244 2.94 -6.00 14.19
C MET B 244 2.00 -7.14 13.79
N GLY B 245 2.39 -8.37 14.11
CA GLY B 245 1.52 -9.52 13.96
C GLY B 245 0.27 -9.43 14.84
N ALA B 246 0.46 -8.90 16.06
CA ALA B 246 -0.66 -8.68 16.95
C ALA B 246 -1.63 -7.71 16.29
N THR B 247 -1.10 -6.61 15.75
CA THR B 247 -1.94 -5.68 15.04
C THR B 247 -2.65 -6.34 13.87
N ALA B 248 -1.98 -7.23 13.11
CA ALA B 248 -2.63 -7.92 12.01
C ALA B 248 -3.79 -8.76 12.52
N ASP B 249 -3.62 -9.34 13.71
CA ASP B 249 -4.67 -10.09 14.39
C ASP B 249 -5.85 -9.18 14.73
N HIS B 250 -5.55 -7.97 15.18
CA HIS B 250 -6.55 -7.01 15.59
C HIS B 250 -7.35 -6.53 14.37
N ILE B 251 -6.67 -6.37 13.22
CA ILE B 251 -7.32 -5.95 11.99
C ILE B 251 -8.28 -7.06 11.55
N VAL B 252 -7.82 -8.32 11.64
CA VAL B 252 -8.67 -9.44 11.25
C VAL B 252 -9.89 -9.45 12.17
N GLY B 253 -9.64 -9.35 13.48
CA GLY B 253 -10.73 -9.36 14.45
C GLY B 253 -11.70 -8.21 14.22
N ALA B 254 -11.18 -7.01 13.99
CA ALA B 254 -12.03 -5.86 13.70
C ALA B 254 -12.82 -6.08 12.42
N SER B 255 -12.19 -6.71 11.41
CA SER B 255 -12.81 -6.93 10.11
C SER B 255 -13.91 -7.99 10.23
N GLU B 256 -13.65 -9.04 11.02
CA GLU B 256 -14.66 -10.06 11.28
C GLU B 256 -15.90 -9.42 11.93
N THR B 257 -15.67 -8.57 12.94
CA THR B 257 -16.76 -7.93 13.68
C THR B 257 -17.50 -6.94 12.76
N ALA B 258 -16.77 -6.37 11.79
CA ALA B 258 -17.32 -5.37 10.89
C ALA B 258 -18.10 -6.00 9.74
N GLY B 259 -17.98 -7.33 9.56
CA GLY B 259 -18.64 -8.02 8.47
C GLY B 259 -18.03 -7.72 7.09
N ILE B 260 -16.75 -7.37 7.00
CA ILE B 260 -16.13 -7.06 5.73
C ILE B 260 -15.20 -8.20 5.28
N ASP B 261 -14.62 -8.03 4.09
CA ASP B 261 -13.72 -9.03 3.51
C ASP B 261 -12.63 -9.42 4.50
N LEU B 262 -12.47 -10.73 4.70
CA LEU B 262 -11.45 -11.26 5.59
C LEU B 262 -10.21 -11.73 4.83
N ALA B 263 -10.30 -11.95 3.50
CA ALA B 263 -9.21 -12.58 2.77
C ALA B 263 -7.99 -11.66 2.74
N LEU B 264 -8.17 -10.35 2.48
CA LEU B 264 -7.02 -9.46 2.44
C LEU B 264 -6.30 -9.44 3.79
N PRO B 265 -6.93 -9.06 4.92
CA PRO B 265 -6.22 -9.04 6.21
C PRO B 265 -5.71 -10.40 6.69
N ARG B 266 -6.39 -11.48 6.34
CA ARG B 266 -5.88 -12.79 6.70
C ARG B 266 -4.60 -13.17 5.93
N ALA B 267 -4.47 -12.71 4.68
CA ALA B 267 -3.22 -12.91 3.94
C ALA B 267 -2.07 -12.22 4.69
N VAL B 268 -2.31 -10.99 5.19
CA VAL B 268 -1.29 -10.23 5.91
C VAL B 268 -0.97 -10.93 7.23
N GLN B 269 -2.02 -11.32 7.95
CA GLN B 269 -1.89 -12.06 9.19
C GLN B 269 -1.01 -13.28 8.95
N ALA B 270 -1.22 -13.98 7.84
CA ALA B 270 -0.49 -15.23 7.57
C ALA B 270 1.00 -14.97 7.39
N HIS B 271 1.36 -13.80 6.85
CA HIS B 271 2.76 -13.46 6.70
C HIS B 271 3.44 -13.43 8.07
N TYR B 272 2.79 -12.78 9.05
CA TYR B 272 3.34 -12.67 10.41
C TYR B 272 3.38 -14.04 11.08
N ARG B 273 2.31 -14.83 10.93
CA ARG B 273 2.22 -16.13 11.59
C ARG B 273 3.37 -17.03 11.16
N ARG B 274 3.68 -17.04 9.86
CA ARG B 274 4.76 -17.87 9.33
C ARG B 274 6.09 -17.48 9.97
N ALA B 275 6.38 -16.17 10.04
CA ALA B 275 7.60 -15.71 10.64
C ALA B 275 7.72 -16.15 12.11
N ILE B 276 6.60 -16.15 12.84
CA ILE B 276 6.61 -16.51 14.25
C ILE B 276 6.81 -18.03 14.39
N GLU B 277 6.07 -18.80 13.61
CA GLU B 277 6.24 -20.25 13.60
C GLU B 277 7.69 -20.65 13.28
N ASN B 278 8.39 -19.85 12.45
CA ASN B 278 9.75 -20.17 12.05
C ASN B 278 10.74 -19.58 13.06
N GLY B 279 10.25 -18.90 14.11
CA GLY B 279 11.05 -18.54 15.27
C GLY B 279 11.66 -17.14 15.16
N HIS B 280 11.01 -16.25 14.41
CA HIS B 280 11.55 -14.91 14.19
C HIS B 280 10.59 -13.82 14.67
N GLY B 281 9.79 -14.10 15.71
CA GLY B 281 8.93 -13.09 16.32
C GLY B 281 9.67 -11.82 16.72
N GLY B 282 10.95 -11.93 17.13
CA GLY B 282 11.72 -10.79 17.60
C GLY B 282 12.24 -9.90 16.47
N ASP B 283 12.11 -10.37 15.21
CA ASP B 283 12.71 -9.66 14.09
C ASP B 283 11.84 -8.50 13.63
N ASN B 284 12.46 -7.63 12.84
CA ASN B 284 11.77 -6.59 12.11
C ASN B 284 10.80 -7.21 11.10
N TRP B 285 9.80 -6.41 10.67
CA TRP B 285 8.74 -6.86 9.78
C TRP B 285 9.26 -7.39 8.43
N THR B 286 10.40 -6.89 7.96
CA THR B 286 11.01 -7.35 6.72
C THR B 286 11.21 -8.88 6.67
N ARG B 287 11.35 -9.52 7.82
CA ARG B 287 11.51 -10.96 7.88
C ARG B 287 10.31 -11.71 7.29
N ILE B 288 9.13 -11.05 7.15
CA ILE B 288 8.00 -11.73 6.54
C ILE B 288 8.35 -12.19 5.12
N ILE B 289 9.36 -11.59 4.50
CA ILE B 289 9.68 -11.90 3.11
C ILE B 289 10.10 -13.35 2.97
N ASP B 290 10.66 -13.95 4.04
CA ASP B 290 11.11 -15.33 3.95
C ASP B 290 9.94 -16.25 3.65
N GLY B 291 8.84 -16.12 4.40
CA GLY B 291 7.68 -16.97 4.22
C GLY B 291 6.91 -16.66 2.92
N ILE B 292 7.00 -15.41 2.44
CA ILE B 292 6.43 -15.01 1.18
C ILE B 292 7.21 -15.68 0.02
N ARG B 293 8.55 -15.74 0.11
CA ARG B 293 9.39 -16.33 -0.91
C ARG B 293 9.18 -17.84 -0.98
N SER B 294 8.97 -18.48 0.17
CA SER B 294 8.88 -19.93 0.24
C SER B 294 7.66 -20.35 1.02
N PRO B 295 6.45 -20.35 0.42
CA PRO B 295 5.25 -20.83 1.11
C PRO B 295 5.15 -22.37 1.26
#